data_5K97
#
_entry.id   5K97
#
_cell.length_a   105.236
_cell.length_b   105.236
_cell.length_c   104.548
_cell.angle_alpha   90.00
_cell.angle_beta   90.00
_cell.angle_gamma   120.00
#
_symmetry.space_group_name_H-M   'P 31 2 1'
#
loop_
_entity.id
_entity.type
_entity.pdbx_description
1 polymer 'Flap endonuclease 1'
2 polymer "DNA (5'-D(*AP*CP*TP*CP*TP*GP*CP*CP*TP*CP*AP*AP*GP*AP*CP*GP*GP*T)-3')"
3 polymer "DNA (5'-D(P*TP*GP*AP*GP*GP*CP*AP*GP*AP*GP*T)-3')"
4 polymer "DNA (5'-D(*AP*CP*CP*GP*TP*CP*C)-3')"
5 polymer "DNA (5'-D(P*TP*T)-3')"
6 non-polymer 'SAMARIUM (III) ION'
7 non-polymer 'POTASSIUM ION'
8 non-polymer 1,2-ETHANEDIOL
9 water water
#
loop_
_entity_poly.entity_id
_entity_poly.type
_entity_poly.pdbx_seq_one_letter_code
_entity_poly.pdbx_strand_id
1 'polypeptide(L)'
;GIQGLAKLIADVAPSAIRENDIKSYFGRKVAIDASMSIYQFLIAVRQGGDVLQNEEGETTSHLMGMFYRTIRMMENGIKP
VYVFDGKPPQLKSGELAKRSERRAEAEKQLQQAQAAGAEQEVEKFTKRLVKVTKQHNDECKHLLSLMGIPYLDAPSEAEA
SCAALVKAGKVYAAATEDMDCLTFGSPVLMRHLTASEAKKLPIQEFHLSRILQELGLNQEQFVDLCILLGSNYCESIRGI
GPKRAVDLIQKHKSIEEIVRRLDPNKYPVPENWLHKEAHQLFLEPEVLDPESVELKWSEPNEEELIKFMCGEKQFSEERI
RSGVKRLSKSRQGSTLEVLFQ
;
A
2 'polydeoxyribonucleotide' (DA)(DC)(DT)(DC)(DT)(DG)(DC)(DC)(DT)(DC)(DA)(DA)(DG)(DA)(DC)(DG)(DG)(DT) D
3 'polydeoxyribonucleotide' (DT)(DG)(DA)(DG)(DG)(DC)(DA)(DG)(DA)(DG)(DT) E
4 'polydeoxyribonucleotide' (DA)(DC)(DC)(DG)(DT)(DC)(DC) F
5 'polydeoxyribonucleotide' (DA)(DA)(DC)(DT)(DT) G
#
loop_
_chem_comp.id
_chem_comp.type
_chem_comp.name
_chem_comp.formula
DA DNA linking 2'-DEOXYADENOSINE-5'-MONOPHOSPHATE 'C10 H14 N5 O6 P'
DC DNA linking 2'-DEOXYCYTIDINE-5'-MONOPHOSPHATE 'C9 H14 N3 O7 P'
DG DNA linking 2'-DEOXYGUANOSINE-5'-MONOPHOSPHATE 'C10 H14 N5 O7 P'
DT DNA linking THYMIDINE-5'-MONOPHOSPHATE 'C10 H15 N2 O8 P'
EDO non-polymer 1,2-ETHANEDIOL 'C2 H6 O2'
K non-polymer 'POTASSIUM ION' 'K 1'
SM non-polymer 'SAMARIUM (III) ION' 'Sm 3'
#
# COMPACT_ATOMS: atom_id res chain seq x y z
N GLY A 1 5.98 3.80 5.51
CA GLY A 1 5.10 4.61 6.33
C GLY A 1 5.77 5.85 6.90
N ILE A 2 4.97 6.87 7.21
CA ILE A 2 5.44 8.09 7.85
C ILE A 2 4.82 8.15 9.24
N GLN A 3 5.68 8.11 10.26
CA GLN A 3 5.21 8.01 11.63
C GLN A 3 4.33 9.19 12.00
N GLY A 4 3.07 8.90 12.35
CA GLY A 4 2.16 9.91 12.86
C GLY A 4 1.61 10.87 11.83
N LEU A 5 1.93 10.70 10.54
CA LEU A 5 1.47 11.66 9.55
C LEU A 5 -0.05 11.71 9.49
N ALA A 6 -0.70 10.54 9.52
CA ALA A 6 -2.16 10.48 9.46
C ALA A 6 -2.78 11.30 10.59
N LYS A 7 -2.28 11.11 11.82
N LYS A 7 -2.27 11.11 11.81
CA LYS A 7 -2.80 11.88 12.94
CA LYS A 7 -2.80 11.87 12.95
C LYS A 7 -2.48 13.36 12.80
C LYS A 7 -2.48 13.35 12.80
N LEU A 8 -1.28 13.68 12.32
CA LEU A 8 -0.91 15.08 12.13
C LEU A 8 -1.88 15.78 11.18
N ILE A 9 -2.17 15.14 10.03
CA ILE A 9 -3.06 15.76 9.07
C ILE A 9 -4.43 16.00 9.68
N ALA A 10 -4.92 15.05 10.48
CA ALA A 10 -6.24 15.20 11.07
C ALA A 10 -6.28 16.34 12.10
N ASP A 11 -5.14 16.65 12.70
N ASP A 11 -5.14 16.65 12.70
CA ASP A 11 -5.09 17.68 13.74
CA ASP A 11 -5.09 17.68 13.74
C ASP A 11 -4.89 19.08 13.16
C ASP A 11 -4.89 19.08 13.15
N VAL A 12 -3.92 19.25 12.26
CA VAL A 12 -3.54 20.56 11.76
C VAL A 12 -3.98 20.80 10.31
N ALA A 13 -4.36 19.76 9.57
CA ALA A 13 -4.79 19.93 8.17
C ALA A 13 -6.07 19.15 7.91
N PRO A 14 -7.14 19.44 8.67
CA PRO A 14 -8.37 18.62 8.53
C PRO A 14 -9.02 18.74 7.16
N SER A 15 -8.91 19.89 6.50
CA SER A 15 -9.59 20.09 5.22
C SER A 15 -8.99 19.26 4.09
N ALA A 16 -7.84 18.63 4.32
CA ALA A 16 -7.28 17.73 3.33
C ALA A 16 -7.97 16.38 3.28
N ILE A 17 -8.78 16.06 4.28
CA ILE A 17 -9.48 14.79 4.37
C ILE A 17 -10.91 15.01 3.93
N ARG A 18 -11.35 14.28 2.91
CA ARG A 18 -12.70 14.37 2.40
C ARG A 18 -13.32 12.98 2.34
N GLU A 19 -14.59 12.90 2.71
CA GLU A 19 -15.31 11.64 2.73
C GLU A 19 -16.43 11.65 1.69
N ASN A 20 -16.57 10.56 0.97
CA ASN A 20 -17.60 10.43 -0.06
C ASN A 20 -18.18 9.03 -0.03
N ASP A 21 -19.44 8.91 -0.43
CA ASP A 21 -20.11 7.62 -0.47
C ASP A 21 -19.58 6.79 -1.64
N ILE A 22 -19.57 5.47 -1.43
CA ILE A 22 -19.05 4.55 -2.45
C ILE A 22 -19.77 4.74 -3.78
N LYS A 23 -21.05 5.14 -3.74
CA LYS A 23 -21.82 5.31 -4.97
C LYS A 23 -21.26 6.39 -5.87
N SER A 24 -20.49 7.34 -5.34
CA SER A 24 -19.97 8.44 -6.14
C SER A 24 -18.74 8.05 -6.95
N TYR A 25 -18.24 6.84 -6.82
CA TYR A 25 -16.99 6.44 -7.47
C TYR A 25 -17.20 5.58 -8.70
N PHE A 26 -18.45 5.37 -9.12
CA PHE A 26 -18.70 4.59 -10.32
C PHE A 26 -17.93 5.17 -11.51
N GLY A 27 -17.13 4.33 -12.16
CA GLY A 27 -16.34 4.74 -13.29
C GLY A 27 -14.95 5.23 -12.98
N ARG A 28 -14.58 5.32 -11.71
CA ARG A 28 -13.28 5.85 -11.33
C ARG A 28 -12.24 4.73 -11.33
N LYS A 29 -11.01 5.10 -11.70
CA LYS A 29 -9.87 4.19 -11.71
C LYS A 29 -8.96 4.52 -10.54
N VAL A 30 -8.40 3.48 -9.92
CA VAL A 30 -7.51 3.64 -8.78
C VAL A 30 -6.34 2.68 -8.92
N ALA A 31 -5.20 3.06 -8.34
CA ALA A 31 -4.04 2.20 -8.24
C ALA A 31 -3.98 1.59 -6.85
N ILE A 32 -3.73 0.28 -6.77
CA ILE A 32 -3.69 -0.45 -5.52
C ILE A 32 -2.28 -1.01 -5.34
N ASP A 33 -1.78 -0.94 -4.11
CA ASP A 33 -0.51 -1.56 -3.74
C ASP A 33 -0.78 -3.05 -3.55
N ALA A 34 -0.44 -3.85 -4.56
CA ALA A 34 -0.79 -5.27 -4.53
C ALA A 34 -0.10 -5.97 -3.37
N SER A 35 1.20 -5.73 -3.19
CA SER A 35 1.95 -6.43 -2.15
C SER A 35 1.36 -6.17 -0.78
N MET A 36 0.92 -4.94 -0.52
CA MET A 36 0.25 -4.64 0.74
C MET A 36 -1.07 -5.39 0.85
N SER A 37 -1.81 -5.49 -0.25
CA SER A 37 -3.08 -6.20 -0.23
C SER A 37 -2.88 -7.67 0.09
N ILE A 38 -1.87 -8.29 -0.53
CA ILE A 38 -1.58 -9.70 -0.25
C ILE A 38 -1.20 -9.88 1.22
N TYR A 39 -0.33 -9.01 1.72
CA TYR A 39 0.09 -9.12 3.12
C TYR A 39 -1.10 -9.06 4.06
N GLN A 40 -2.04 -8.15 3.81
CA GLN A 40 -3.21 -8.04 4.67
C GLN A 40 -4.06 -9.31 4.65
N PHE A 41 -4.18 -9.94 3.49
CA PHE A 41 -4.98 -11.16 3.40
C PHE A 41 -4.29 -12.33 4.09
N LEU A 42 -2.96 -12.44 3.95
CA LEU A 42 -2.24 -13.53 4.61
C LEU A 42 -2.36 -13.42 6.13
N ILE A 43 -2.47 -12.21 6.66
CA ILE A 43 -2.58 -12.02 8.10
C ILE A 43 -4.01 -12.25 8.56
N ALA A 44 -5.00 -11.74 7.81
CA ALA A 44 -6.37 -11.70 8.29
C ALA A 44 -7.19 -12.92 7.87
N VAL A 45 -7.02 -13.39 6.64
CA VAL A 45 -7.84 -14.48 6.11
C VAL A 45 -7.34 -15.80 6.72
N ARG A 46 -7.85 -16.13 7.90
CA ARG A 46 -7.41 -17.34 8.60
C ARG A 46 -8.61 -18.01 9.25
N GLN A 47 -8.49 -19.33 9.41
CA GLN A 47 -9.48 -20.14 10.11
C GLN A 47 -8.75 -20.99 11.13
N GLY A 48 -9.01 -20.77 12.41
CA GLY A 48 -8.29 -21.47 13.45
C GLY A 48 -6.82 -21.10 13.51
N GLY A 49 -6.49 -19.85 13.21
CA GLY A 49 -5.11 -19.41 13.20
C GLY A 49 -4.32 -19.80 11.98
N ASP A 50 -4.89 -20.59 11.07
CA ASP A 50 -4.19 -21.07 9.89
C ASP A 50 -4.78 -20.44 8.63
N VAL A 51 -3.90 -20.09 7.69
CA VAL A 51 -4.36 -19.56 6.42
C VAL A 51 -5.20 -20.62 5.71
N LEU A 52 -6.10 -20.16 4.85
CA LEU A 52 -6.79 -21.09 3.96
C LEU A 52 -5.78 -21.73 3.02
N GLN A 53 -6.10 -22.94 2.57
CA GLN A 53 -5.19 -23.68 1.70
C GLN A 53 -5.96 -24.80 1.03
N ASN A 54 -5.38 -25.32 -0.05
CA ASN A 54 -5.93 -26.51 -0.68
C ASN A 54 -5.36 -27.75 -0.01
N GLU A 55 -5.86 -28.92 -0.41
CA GLU A 55 -5.42 -30.16 0.24
C GLU A 55 -3.93 -30.40 0.03
N GLU A 56 -3.36 -29.87 -1.05
CA GLU A 56 -1.93 -29.98 -1.32
C GLU A 56 -1.08 -29.11 -0.39
N GLY A 57 -1.70 -28.38 0.54
CA GLY A 57 -0.98 -27.54 1.46
C GLY A 57 -0.60 -26.18 0.93
N GLU A 58 -1.14 -25.76 -0.21
CA GLU A 58 -0.80 -24.48 -0.82
C GLU A 58 -1.73 -23.39 -0.30
N THR A 59 -1.15 -22.29 0.16
CA THR A 59 -1.92 -21.19 0.70
C THR A 59 -2.83 -20.59 -0.37
N THR A 60 -4.05 -20.25 0.02
CA THR A 60 -5.03 -19.63 -0.88
C THR A 60 -5.68 -18.40 -0.27
N SER A 61 -5.25 -17.96 0.92
CA SER A 61 -5.85 -16.80 1.56
C SER A 61 -5.71 -15.55 0.70
N HIS A 62 -4.55 -15.36 0.08
CA HIS A 62 -4.34 -14.20 -0.78
C HIS A 62 -5.20 -14.25 -2.04
N LEU A 63 -5.44 -15.45 -2.59
CA LEU A 63 -6.32 -15.57 -3.75
C LEU A 63 -7.77 -15.34 -3.37
N MET A 64 -8.18 -15.85 -2.20
CA MET A 64 -9.51 -15.57 -1.68
C MET A 64 -9.79 -14.08 -1.66
N GLY A 65 -8.93 -13.32 -0.97
CA GLY A 65 -9.18 -11.90 -0.79
C GLY A 65 -9.12 -11.13 -2.09
N MET A 66 -8.11 -11.41 -2.92
CA MET A 66 -7.94 -10.65 -4.16
CA MET A 66 -7.95 -10.65 -4.15
C MET A 66 -9.08 -10.92 -5.13
N PHE A 67 -9.58 -12.15 -5.17
CA PHE A 67 -10.70 -12.48 -6.04
C PHE A 67 -11.94 -11.69 -5.64
N TYR A 68 -12.36 -11.83 -4.39
CA TYR A 68 -13.65 -11.27 -3.99
C TYR A 68 -13.60 -9.76 -3.81
N ARG A 69 -12.52 -9.22 -3.25
CA ARG A 69 -12.42 -7.78 -3.11
C ARG A 69 -12.41 -7.10 -4.47
N THR A 70 -11.67 -7.66 -5.43
CA THR A 70 -11.60 -7.06 -6.75
C THR A 70 -12.98 -7.04 -7.42
N ILE A 71 -13.72 -8.14 -7.31
CA ILE A 71 -15.05 -8.19 -7.89
C ILE A 71 -15.96 -7.15 -7.22
N ARG A 72 -15.86 -7.02 -5.90
CA ARG A 72 -16.69 -6.04 -5.21
C ARG A 72 -16.41 -4.63 -5.70
N MET A 73 -15.13 -4.27 -5.86
CA MET A 73 -14.79 -2.96 -6.42
CA MET A 73 -14.80 -2.96 -6.41
C MET A 73 -15.43 -2.78 -7.80
N MET A 74 -15.29 -3.80 -8.66
CA MET A 74 -15.84 -3.69 -10.01
C MET A 74 -17.37 -3.61 -9.98
N GLU A 75 -18.01 -4.28 -9.04
CA GLU A 75 -19.46 -4.17 -8.93
C GLU A 75 -19.89 -2.75 -8.60
N ASN A 76 -19.05 -2.00 -7.89
CA ASN A 76 -19.29 -0.59 -7.63
C ASN A 76 -18.75 0.31 -8.73
N GLY A 77 -18.38 -0.25 -9.88
CA GLY A 77 -17.84 0.54 -10.96
C GLY A 77 -16.45 1.07 -10.74
N ILE A 78 -15.74 0.56 -9.74
CA ILE A 78 -14.39 0.99 -9.44
C ILE A 78 -13.43 0.06 -10.18
N LYS A 79 -12.54 0.63 -10.98
CA LYS A 79 -11.67 -0.14 -11.86
C LYS A 79 -10.23 -0.06 -11.35
N PRO A 80 -9.72 -1.10 -10.70
CA PRO A 80 -8.39 -1.02 -10.11
C PRO A 80 -7.29 -1.56 -11.02
N VAL A 81 -6.11 -0.98 -10.84
CA VAL A 81 -4.88 -1.51 -11.39
C VAL A 81 -3.97 -1.83 -10.22
N TYR A 82 -3.46 -3.05 -10.21
CA TYR A 82 -2.63 -3.52 -9.11
C TYR A 82 -1.16 -3.29 -9.45
N VAL A 83 -0.43 -2.68 -8.53
CA VAL A 83 0.98 -2.35 -8.71
C VAL A 83 1.79 -3.19 -7.73
N PHE A 84 2.73 -3.96 -8.26
CA PHE A 84 3.54 -4.88 -7.46
C PHE A 84 4.92 -4.28 -7.20
N ASP A 85 5.44 -4.50 -6.00
CA ASP A 85 6.75 -4.02 -5.63
C ASP A 85 7.83 -4.61 -6.51
N GLY A 86 8.88 -3.83 -6.74
CA GLY A 86 10.08 -4.30 -7.38
C GLY A 86 11.25 -4.30 -6.40
N LYS A 87 12.47 -4.18 -6.91
CA LYS A 87 13.64 -4.17 -6.04
C LYS A 87 13.60 -2.96 -5.12
N PRO A 88 13.70 -3.14 -3.80
CA PRO A 88 13.64 -1.98 -2.91
C PRO A 88 14.86 -1.10 -3.09
N PRO A 89 14.76 0.19 -2.77
CA PRO A 89 15.92 1.07 -2.87
C PRO A 89 16.94 0.76 -1.79
N GLN A 90 18.20 1.11 -2.07
CA GLN A 90 19.28 0.81 -1.15
CA GLN A 90 19.28 0.81 -1.15
C GLN A 90 19.08 1.47 0.21
N LEU A 91 18.49 2.67 0.23
CA LEU A 91 18.28 3.36 1.50
C LEU A 91 17.45 2.53 2.46
N LYS A 92 16.59 1.66 1.94
CA LYS A 92 15.78 0.80 2.78
C LYS A 92 16.57 -0.35 3.40
N SER A 93 17.80 -0.60 2.92
CA SER A 93 18.56 -1.73 3.42
C SER A 93 18.72 -1.69 4.94
N GLY A 94 18.79 -0.49 5.51
CA GLY A 94 18.85 -0.38 6.97
C GLY A 94 17.56 -0.83 7.62
N GLU A 95 16.42 -0.32 7.13
CA GLU A 95 15.13 -0.73 7.68
C GLU A 95 14.90 -2.22 7.51
N LEU A 96 15.37 -2.79 6.39
CA LEU A 96 15.16 -4.20 6.13
C LEU A 96 16.00 -5.07 7.05
N ALA A 97 17.25 -4.67 7.29
CA ALA A 97 18.08 -5.39 8.25
C ALA A 97 17.41 -5.41 9.63
N LYS A 98 16.76 -4.32 10.01
CA LYS A 98 15.98 -4.31 11.25
C LYS A 98 14.84 -5.33 11.19
N ARG A 99 14.14 -5.37 10.05
CA ARG A 99 13.06 -6.35 9.89
CA ARG A 99 13.07 -6.35 9.89
C ARG A 99 13.59 -7.77 9.91
N SER A 100 14.89 -7.97 9.67
CA SER A 100 15.47 -9.30 9.80
C SER A 100 15.68 -9.67 11.27
N GLU A 101 16.09 -8.71 12.09
CA GLU A 101 16.24 -8.96 13.52
C GLU A 101 14.91 -9.37 14.13
N ARG A 102 13.92 -8.48 14.05
CA ARG A 102 12.60 -8.78 14.60
C ARG A 102 12.00 -10.03 13.97
N ARG A 103 12.46 -10.42 12.78
CA ARG A 103 12.03 -11.68 12.19
CA ARG A 103 12.03 -11.68 12.19
C ARG A 103 12.74 -12.86 12.84
N ALA A 104 14.08 -12.80 12.92
CA ALA A 104 14.82 -13.86 13.61
C ALA A 104 14.46 -13.89 15.08
N GLU A 105 14.26 -12.73 15.70
CA GLU A 105 13.80 -12.68 17.08
C GLU A 105 12.40 -13.26 17.21
N ALA A 106 11.54 -13.01 16.22
CA ALA A 106 10.22 -13.61 16.22
C ALA A 106 10.29 -15.10 15.94
N GLU A 107 11.24 -15.54 15.11
CA GLU A 107 11.46 -16.97 14.94
C GLU A 107 12.00 -17.58 16.22
N LYS A 108 12.93 -16.89 16.87
CA LYS A 108 13.48 -17.35 18.15
C LYS A 108 12.39 -17.62 19.17
N GLN A 109 11.22 -17.00 19.02
CA GLN A 109 10.14 -17.11 20.00
C GLN A 109 8.99 -18.00 19.56
N LEU A 110 8.90 -18.34 18.27
CA LEU A 110 7.81 -19.22 17.84
C LEU A 110 7.98 -20.62 18.41
N GLN A 111 9.21 -21.09 18.55
CA GLN A 111 9.45 -22.45 19.00
C GLN A 111 9.08 -22.62 20.47
N GLN A 112 9.48 -21.68 21.32
CA GLN A 112 9.18 -21.79 22.74
C GLN A 112 7.68 -21.76 23.01
N ALA A 113 6.90 -21.18 22.10
CA ALA A 113 5.45 -21.23 22.23
C ALA A 113 4.92 -22.59 21.83
N GLN A 114 5.40 -23.13 20.71
CA GLN A 114 4.97 -24.45 20.26
C GLN A 114 5.48 -25.54 21.19
N ALA A 115 6.76 -25.47 21.57
CA ALA A 115 7.37 -26.50 22.42
C ALA A 115 6.60 -26.62 23.73
N ALA A 116 6.37 -25.51 24.41
CA ALA A 116 5.64 -25.50 25.68
C ALA A 116 4.14 -25.54 25.50
N GLY A 117 3.66 -25.98 24.34
CA GLY A 117 2.21 -26.07 24.12
C GLY A 117 1.48 -24.78 24.37
N ALA A 118 2.05 -23.66 23.90
CA ALA A 118 1.39 -22.37 24.08
C ALA A 118 0.01 -22.40 23.43
N GLU A 119 -0.87 -21.54 23.94
CA GLU A 119 -2.27 -21.50 23.48
C GLU A 119 -2.42 -20.53 22.30
N GLN A 120 -2.39 -19.23 22.59
CA GLN A 120 -2.61 -18.20 21.58
C GLN A 120 -1.35 -17.42 21.26
N GLU A 121 -0.20 -17.82 21.80
CA GLU A 121 1.06 -17.17 21.46
C GLU A 121 1.60 -17.68 20.13
N VAL A 122 1.38 -18.95 19.81
CA VAL A 122 1.80 -19.49 18.52
C VAL A 122 1.21 -18.66 17.39
N GLU A 123 -0.08 -18.38 17.47
CA GLU A 123 -0.74 -17.60 16.43
C GLU A 123 -0.19 -16.18 16.33
N LYS A 124 0.46 -15.68 17.38
CA LYS A 124 1.00 -14.33 17.34
C LYS A 124 2.32 -14.28 16.58
N PHE A 125 3.27 -15.14 16.94
CA PHE A 125 4.53 -15.20 16.22
C PHE A 125 4.34 -15.70 14.79
N THR A 126 3.27 -16.44 14.53
CA THR A 126 2.95 -16.84 13.16
C THR A 126 2.68 -15.62 12.30
N LYS A 127 1.68 -14.82 12.69
CA LYS A 127 1.37 -13.60 11.94
C LYS A 127 2.58 -12.69 11.84
N ARG A 128 3.38 -12.61 12.90
CA ARG A 128 4.54 -11.71 12.89
C ARG A 128 5.53 -12.09 11.80
N LEU A 129 5.56 -13.36 11.39
CA LEU A 129 6.51 -13.84 10.41
C LEU A 129 5.93 -13.93 9.01
N VAL A 130 4.67 -13.52 8.81
CA VAL A 130 4.11 -13.49 7.46
C VAL A 130 5.00 -12.65 6.57
N LYS A 131 5.32 -13.18 5.39
CA LYS A 131 6.04 -12.41 4.39
C LYS A 131 5.53 -12.81 3.01
N VAL A 132 5.35 -11.81 2.15
CA VAL A 132 4.89 -12.04 0.79
C VAL A 132 6.05 -12.58 -0.03
N THR A 133 5.90 -13.78 -0.55
CA THR A 133 6.92 -14.41 -1.38
C THR A 133 6.64 -14.12 -2.85
N LYS A 134 7.63 -14.42 -3.69
CA LYS A 134 7.42 -14.27 -5.12
CA LYS A 134 7.43 -14.26 -5.12
C LYS A 134 6.38 -15.23 -5.66
N GLN A 135 6.15 -16.35 -4.96
CA GLN A 135 5.08 -17.26 -5.36
C GLN A 135 3.72 -16.62 -5.10
N HIS A 136 3.58 -15.90 -3.99
CA HIS A 136 2.32 -15.18 -3.74
C HIS A 136 2.05 -14.18 -4.85
N ASN A 137 3.06 -13.38 -5.21
CA ASN A 137 2.88 -12.36 -6.25
C ASN A 137 2.54 -13.01 -7.59
N ASP A 138 3.27 -14.07 -7.95
CA ASP A 138 3.05 -14.71 -9.25
C ASP A 138 1.65 -15.32 -9.33
N GLU A 139 1.16 -15.87 -8.21
CA GLU A 139 -0.17 -16.46 -8.23
C GLU A 139 -1.24 -15.38 -8.33
N CYS A 140 -1.03 -14.24 -7.69
CA CYS A 140 -1.98 -13.14 -7.81
C CYS A 140 -1.97 -12.55 -9.20
N LYS A 141 -0.78 -12.33 -9.76
CA LYS A 141 -0.70 -11.89 -11.15
C LYS A 141 -1.42 -12.84 -12.08
N HIS A 142 -1.24 -14.15 -11.88
CA HIS A 142 -1.95 -15.14 -12.67
C HIS A 142 -3.45 -14.98 -12.53
N LEU A 143 -3.93 -14.82 -11.29
CA LEU A 143 -5.36 -14.67 -11.05
C LEU A 143 -5.90 -13.41 -11.73
N LEU A 144 -5.18 -12.29 -11.58
CA LEU A 144 -5.65 -11.04 -12.16
C LEU A 144 -5.72 -11.12 -13.68
N SER A 145 -4.74 -11.77 -14.30
CA SER A 145 -4.77 -11.95 -15.75
C SER A 145 -6.04 -12.68 -16.17
N LEU A 146 -6.36 -13.77 -15.48
CA LEU A 146 -7.57 -14.53 -15.82
C LEU A 146 -8.83 -13.73 -15.53
N MET A 147 -8.79 -12.86 -14.52
CA MET A 147 -9.93 -12.00 -14.21
C MET A 147 -10.06 -10.82 -15.17
N GLY A 148 -9.04 -10.56 -15.99
CA GLY A 148 -9.07 -9.42 -16.89
C GLY A 148 -8.69 -8.11 -16.24
N ILE A 149 -8.09 -8.15 -15.07
CA ILE A 149 -7.75 -6.96 -14.28
C ILE A 149 -6.30 -6.61 -14.58
N PRO A 150 -5.97 -5.37 -14.91
CA PRO A 150 -4.58 -5.03 -15.24
C PRO A 150 -3.71 -4.94 -14.00
N TYR A 151 -2.44 -5.29 -14.18
CA TYR A 151 -1.45 -5.12 -13.14
C TYR A 151 -0.15 -4.62 -13.76
N LEU A 152 0.69 -4.04 -12.92
CA LEU A 152 1.95 -3.45 -13.34
C LEU A 152 3.03 -3.84 -12.35
N ASP A 153 4.25 -4.02 -12.87
CA ASP A 153 5.42 -4.25 -12.04
C ASP A 153 6.16 -2.93 -11.88
N ALA A 154 6.25 -2.46 -10.66
CA ALA A 154 7.03 -1.26 -10.40
C ALA A 154 8.51 -1.61 -10.41
N PRO A 155 9.38 -0.72 -10.90
CA PRO A 155 10.82 -1.00 -10.84
C PRO A 155 11.36 -1.01 -9.43
N SER A 156 10.70 -0.33 -8.50
CA SER A 156 11.14 -0.28 -7.12
C SER A 156 9.94 -0.24 -6.18
N GLU A 157 9.78 0.83 -5.41
CA GLU A 157 8.67 0.92 -4.47
C GLU A 157 7.35 1.08 -5.24
N ALA A 158 6.37 0.25 -4.89
CA ALA A 158 5.08 0.30 -5.58
C ALA A 158 4.36 1.61 -5.28
N GLU A 159 4.44 2.10 -4.04
CA GLU A 159 3.76 3.34 -3.68
C GLU A 159 4.25 4.50 -4.52
N ALA A 160 5.54 4.51 -4.86
CA ALA A 160 6.07 5.59 -5.70
C ALA A 160 5.49 5.52 -7.10
N SER A 161 5.34 4.31 -7.63
CA SER A 161 4.76 4.16 -8.97
C SER A 161 3.26 4.45 -8.96
N CYS A 162 2.57 4.06 -7.89
CA CYS A 162 1.17 4.46 -7.74
C CYS A 162 1.05 5.99 -7.81
N ALA A 163 1.88 6.70 -7.05
CA ALA A 163 1.86 8.15 -7.08
C ALA A 163 2.11 8.67 -8.49
N ALA A 164 3.04 8.05 -9.21
CA ALA A 164 3.33 8.49 -10.57
C ALA A 164 2.15 8.25 -11.50
N LEU A 165 1.37 7.19 -11.29
CA LEU A 165 0.19 6.97 -12.11
C LEU A 165 -0.87 8.03 -11.85
N VAL A 166 -1.00 8.49 -10.60
CA VAL A 166 -1.93 9.57 -10.31
C VAL A 166 -1.45 10.87 -10.94
N LYS A 167 -0.17 11.20 -10.74
CA LYS A 167 0.40 12.41 -11.31
C LYS A 167 0.14 12.50 -12.81
N ALA A 168 0.28 11.37 -13.51
CA ALA A 168 0.06 11.34 -14.95
C ALA A 168 -1.42 11.29 -15.32
N GLY A 169 -2.32 11.26 -14.35
CA GLY A 169 -3.74 11.20 -14.64
C GLY A 169 -4.22 9.89 -15.22
N LYS A 170 -3.48 8.80 -15.03
CA LYS A 170 -3.89 7.49 -15.49
C LYS A 170 -4.80 6.76 -14.51
N VAL A 171 -4.79 7.17 -13.24
CA VAL A 171 -5.80 6.78 -12.26
C VAL A 171 -6.14 8.02 -11.44
N TYR A 172 -7.29 7.96 -10.76
CA TYR A 172 -7.73 9.10 -9.96
C TYR A 172 -6.98 9.21 -8.63
N ALA A 173 -6.62 8.07 -8.03
CA ALA A 173 -6.02 8.10 -6.71
C ALA A 173 -5.25 6.81 -6.48
N ALA A 174 -4.35 6.87 -5.51
CA ALA A 174 -3.70 5.68 -4.99
C ALA A 174 -4.50 5.18 -3.79
N ALA A 175 -5.03 3.97 -3.90
CA ALA A 175 -5.86 3.39 -2.84
C ALA A 175 -4.95 2.53 -1.98
N THR A 176 -4.53 3.07 -0.85
CA THR A 176 -3.66 2.37 0.08
C THR A 176 -3.87 2.95 1.47
N GLU A 177 -3.27 2.29 2.47
CA GLU A 177 -3.37 2.74 3.85
C GLU A 177 -2.10 3.38 4.36
N ASP A 178 -1.01 3.34 3.59
CA ASP A 178 0.23 4.00 3.96
C ASP A 178 0.27 5.40 3.38
N MET A 179 0.61 6.38 4.22
CA MET A 179 0.75 7.76 3.78
C MET A 179 2.01 7.97 2.94
N ASP A 180 2.81 6.92 2.72
CA ASP A 180 3.98 7.03 1.85
C ASP A 180 3.64 7.74 0.54
N CYS A 181 2.51 7.38 -0.07
CA CYS A 181 2.20 7.86 -1.41
C CYS A 181 2.15 9.38 -1.47
N LEU A 182 1.68 10.02 -0.39
CA LEU A 182 1.66 11.48 -0.34
C LEU A 182 3.08 12.04 -0.35
N THR A 183 3.98 11.42 0.42
CA THR A 183 5.37 11.87 0.42
C THR A 183 6.02 11.67 -0.94
N PHE A 184 5.62 10.63 -1.66
CA PHE A 184 6.07 10.45 -3.03
C PHE A 184 5.35 11.35 -4.02
N GLY A 185 4.47 12.23 -3.55
CA GLY A 185 3.88 13.24 -4.39
C GLY A 185 2.53 12.89 -4.99
N SER A 186 1.90 11.82 -4.54
CA SER A 186 0.59 11.46 -5.08
C SER A 186 -0.41 12.58 -4.83
N PRO A 187 -1.06 13.11 -5.87
CA PRO A 187 -2.07 14.16 -5.63
C PRO A 187 -3.24 13.71 -4.77
N VAL A 188 -3.61 12.43 -4.80
CA VAL A 188 -4.75 11.93 -4.05
C VAL A 188 -4.41 10.57 -3.48
N LEU A 189 -4.72 10.38 -2.21
CA LEU A 189 -4.63 9.09 -1.54
C LEU A 189 -6.02 8.74 -1.00
N MET A 190 -6.43 7.50 -1.18
CA MET A 190 -7.73 7.03 -0.72
C MET A 190 -7.55 5.93 0.31
N ARG A 191 -8.25 6.04 1.43
CA ARG A 191 -8.22 5.05 2.49
C ARG A 191 -9.60 4.43 2.68
N HIS A 192 -9.61 3.19 3.15
CA HIS A 192 -10.86 2.47 3.44
C HIS A 192 -11.65 2.19 2.17
N LEU A 193 -10.96 2.02 1.04
CA LEU A 193 -11.60 1.68 -0.23
C LEU A 193 -11.47 0.17 -0.43
N THR A 194 -12.30 -0.57 0.31
CA THR A 194 -12.41 -2.01 0.14
C THR A 194 -13.68 -2.43 -0.59
N ALA A 195 -14.66 -1.53 -0.69
CA ALA A 195 -15.94 -1.82 -1.34
C ALA A 195 -16.69 -2.96 -0.65
N SER A 196 -16.34 -3.27 0.59
CA SER A 196 -16.98 -4.35 1.32
C SER A 196 -18.42 -3.98 1.69
N GLU A 197 -19.22 -5.02 1.96
CA GLU A 197 -20.58 -4.80 2.44
C GLU A 197 -20.62 -4.45 3.93
N ALA A 198 -19.55 -4.74 4.66
CA ALA A 198 -19.50 -4.38 6.08
C ALA A 198 -19.71 -2.88 6.26
N LYS A 199 -18.92 -2.08 5.55
CA LYS A 199 -19.05 -0.62 5.60
C LYS A 199 -19.05 -0.12 7.04
N LYS A 200 -17.87 -0.09 7.65
CA LYS A 200 -17.68 0.42 9.01
C LYS A 200 -16.96 1.75 9.04
N LEU A 201 -15.94 1.92 8.19
CA LEU A 201 -15.18 3.16 8.08
C LEU A 201 -15.55 3.88 6.80
N PRO A 202 -15.63 5.20 6.81
CA PRO A 202 -15.97 5.93 5.58
C PRO A 202 -14.77 6.06 4.66
N ILE A 203 -15.05 6.11 3.36
CA ILE A 203 -14.00 6.30 2.36
C ILE A 203 -13.43 7.70 2.52
N GLN A 204 -12.12 7.78 2.75
CA GLN A 204 -11.45 9.06 2.98
C GLN A 204 -10.50 9.34 1.82
N GLU A 205 -10.56 10.56 1.29
CA GLU A 205 -9.60 11.04 0.31
C GLU A 205 -8.66 12.04 1.00
N PHE A 206 -7.36 11.83 0.83
CA PHE A 206 -6.35 12.79 1.27
C PHE A 206 -5.83 13.52 0.04
N HIS A 207 -6.04 14.84 0.00
CA HIS A 207 -5.64 15.66 -1.14
C HIS A 207 -4.35 16.41 -0.77
N LEU A 208 -3.28 16.07 -1.47
CA LEU A 208 -1.98 16.68 -1.20
C LEU A 208 -2.04 18.21 -1.28
N SER A 209 -2.78 18.74 -2.26
CA SER A 209 -2.84 20.19 -2.42
C SER A 209 -3.42 20.86 -1.18
N ARG A 210 -4.40 20.23 -0.55
CA ARG A 210 -4.95 20.77 0.69
C ARG A 210 -3.96 20.67 1.84
N ILE A 211 -3.18 19.58 1.89
CA ILE A 211 -2.16 19.45 2.93
C ILE A 211 -1.14 20.56 2.82
N LEU A 212 -0.58 20.75 1.62
CA LEU A 212 0.41 21.80 1.41
C LEU A 212 -0.16 23.17 1.74
N GLN A 213 -1.45 23.39 1.48
CA GLN A 213 -2.06 24.68 1.73
C GLN A 213 -2.19 24.96 3.23
N GLU A 214 -2.70 23.99 3.98
CA GLU A 214 -2.96 24.24 5.40
C GLU A 214 -1.68 24.27 6.21
N LEU A 215 -0.66 23.53 5.78
CA LEU A 215 0.64 23.59 6.46
C LEU A 215 1.51 24.74 5.96
N GLY A 216 1.17 25.32 4.80
CA GLY A 216 1.97 26.40 4.24
C GLY A 216 3.29 25.95 3.68
N LEU A 217 3.37 24.74 3.15
CA LEU A 217 4.61 24.17 2.65
C LEU A 217 4.51 23.86 1.17
N ASN A 218 5.66 23.84 0.50
CA ASN A 218 5.75 23.25 -0.83
C ASN A 218 6.15 21.78 -0.68
N GLN A 219 6.27 21.07 -1.80
CA GLN A 219 6.47 19.63 -1.72
C GLN A 219 7.81 19.28 -1.08
N GLU A 220 8.88 19.97 -1.46
CA GLU A 220 10.19 19.64 -0.89
C GLU A 220 10.21 19.89 0.60
N GLN A 221 9.49 20.91 1.07
CA GLN A 221 9.38 21.14 2.51
C GLN A 221 8.51 20.09 3.18
N PHE A 222 7.49 19.61 2.48
CA PHE A 222 6.65 18.54 3.01
C PHE A 222 7.46 17.25 3.16
N VAL A 223 8.33 16.97 2.20
CA VAL A 223 9.16 15.78 2.27
C VAL A 223 10.11 15.86 3.47
N ASP A 224 10.71 17.03 3.69
CA ASP A 224 11.59 17.20 4.85
C ASP A 224 10.82 17.03 6.15
N LEU A 225 9.58 17.50 6.20
CA LEU A 225 8.75 17.27 7.38
C LEU A 225 8.53 15.78 7.61
N CYS A 226 8.23 15.05 6.55
CA CYS A 226 7.99 13.61 6.69
C CYS A 226 9.26 12.91 7.15
N ILE A 227 10.42 13.35 6.68
CA ILE A 227 11.68 12.80 7.15
C ILE A 227 11.83 13.04 8.65
N LEU A 228 11.45 14.23 9.12
CA LEU A 228 11.56 14.53 10.55
C LEU A 228 10.53 13.75 11.35
N LEU A 229 9.37 13.45 10.76
CA LEU A 229 8.39 12.63 11.46
C LEU A 229 8.89 11.20 11.63
N GLY A 230 9.55 10.66 10.61
CA GLY A 230 10.09 9.32 10.65
C GLY A 230 9.68 8.48 9.47
N SER A 231 10.63 8.17 8.59
CA SER A 231 10.39 7.38 7.39
C SER A 231 11.14 6.05 7.49
N ASN A 232 11.00 5.24 6.43
CA ASN A 232 11.69 3.96 6.34
C ASN A 232 13.10 4.07 5.80
N TYR A 233 13.54 5.26 5.40
CA TYR A 233 14.77 5.40 4.62
C TYR A 233 15.90 6.09 5.36
N CYS A 234 15.65 6.69 6.52
CA CYS A 234 16.71 7.33 7.27
C CYS A 234 16.20 7.64 8.66
N GLU A 235 17.10 8.13 9.51
CA GLU A 235 16.78 8.44 10.89
C GLU A 235 16.16 9.84 10.98
N SER A 236 15.49 10.09 12.11
CA SER A 236 15.00 11.40 12.46
C SER A 236 15.85 11.96 13.59
N ILE A 237 15.42 13.10 14.14
CA ILE A 237 16.13 13.77 15.22
C ILE A 237 15.44 13.42 16.54
N ARG A 238 16.17 12.83 17.46
CA ARG A 238 15.62 12.53 18.78
C ARG A 238 15.16 13.81 19.46
N GLY A 239 14.01 13.73 20.13
CA GLY A 239 13.41 14.89 20.76
C GLY A 239 12.60 15.77 19.83
N ILE A 240 12.69 15.57 18.52
CA ILE A 240 11.91 16.33 17.55
C ILE A 240 10.78 15.42 17.08
N GLY A 241 9.55 15.78 17.50
CA GLY A 241 8.38 15.04 17.11
C GLY A 241 7.50 15.84 16.18
N PRO A 242 6.22 15.46 16.07
CA PRO A 242 5.34 16.16 15.10
C PRO A 242 5.16 17.63 15.40
N LYS A 243 5.03 18.01 16.68
CA LYS A 243 4.76 19.41 17.00
C LYS A 243 5.96 20.29 16.69
N ARG A 244 7.16 19.86 17.09
CA ARG A 244 8.36 20.65 16.85
C ARG A 244 8.82 20.58 15.40
N ALA A 245 8.63 19.43 14.74
CA ALA A 245 9.02 19.30 13.34
C ALA A 245 8.27 20.29 12.47
N VAL A 246 6.96 20.42 12.68
CA VAL A 246 6.17 21.38 11.90
C VAL A 246 6.69 22.79 12.11
N ASP A 247 6.89 23.18 13.37
CA ASP A 247 7.39 24.53 13.66
C ASP A 247 8.73 24.77 13.00
N LEU A 248 9.64 23.80 13.10
CA LEU A 248 10.97 23.98 12.53
C LEU A 248 10.93 24.09 11.01
N ILE A 249 10.16 23.22 10.36
CA ILE A 249 10.03 23.29 8.91
C ILE A 249 9.42 24.62 8.50
N GLN A 250 8.28 24.97 9.11
CA GLN A 250 7.62 26.23 8.76
C GLN A 250 8.54 27.43 8.94
N LYS A 251 9.43 27.38 9.92
CA LYS A 251 10.31 28.51 10.19
C LYS A 251 11.58 28.46 9.35
N HIS A 252 12.22 27.29 9.27
CA HIS A 252 13.52 27.16 8.60
C HIS A 252 13.42 26.55 7.21
N LYS A 253 12.26 25.98 6.85
CA LYS A 253 12.00 25.50 5.50
C LYS A 253 12.72 24.18 5.17
N SER A 254 14.03 24.13 5.37
CA SER A 254 14.82 22.96 4.99
C SER A 254 15.48 22.33 6.21
N ILE A 255 15.80 21.04 6.08
CA ILE A 255 16.52 20.34 7.14
C ILE A 255 17.92 20.92 7.31
N GLU A 256 18.57 21.26 6.20
CA GLU A 256 19.92 21.83 6.27
C GLU A 256 19.92 23.09 7.13
N GLU A 257 18.97 23.99 6.90
CA GLU A 257 18.87 25.19 7.73
C GLU A 257 18.53 24.84 9.17
N ILE A 258 17.72 23.80 9.37
CA ILE A 258 17.38 23.39 10.73
C ILE A 258 18.63 22.95 11.49
N VAL A 259 19.52 22.22 10.81
CA VAL A 259 20.74 21.75 11.45
C VAL A 259 21.64 22.93 11.79
N ARG A 260 21.85 23.83 10.82
CA ARG A 260 22.76 24.95 11.04
C ARG A 260 22.30 25.83 12.21
N ARG A 261 21.00 25.90 12.47
CA ARG A 261 20.46 26.74 13.52
CA ARG A 261 20.46 26.74 13.52
C ARG A 261 20.06 25.96 14.77
N LEU A 262 20.25 24.65 14.78
CA LEU A 262 19.95 23.86 15.96
C LEU A 262 21.15 23.85 16.90
N ASP A 263 20.86 23.61 18.18
CA ASP A 263 21.89 23.54 19.20
C ASP A 263 22.39 22.09 19.32
N PRO A 264 23.66 21.80 18.97
CA PRO A 264 24.11 20.40 19.02
C PRO A 264 23.93 19.74 20.36
N ASN A 265 23.96 20.50 21.46
CA ASN A 265 23.81 19.90 22.79
C ASN A 265 22.35 19.58 23.09
N LYS A 266 21.43 20.47 22.69
CA LYS A 266 20.02 20.22 22.92
C LYS A 266 19.49 19.13 22.01
N TYR A 267 19.70 19.28 20.70
CA TYR A 267 19.16 18.36 19.69
C TYR A 267 20.28 17.98 18.73
N PRO A 268 21.14 17.04 19.11
CA PRO A 268 22.16 16.56 18.17
C PRO A 268 21.52 15.73 17.07
N VAL A 269 22.06 15.85 15.87
CA VAL A 269 21.54 15.13 14.71
C VAL A 269 22.21 13.76 14.65
N PRO A 270 21.65 12.80 13.91
CA PRO A 270 22.33 11.52 13.75
C PRO A 270 23.66 11.68 13.04
N GLU A 271 24.59 10.77 13.36
CA GLU A 271 25.89 10.77 12.70
C GLU A 271 25.74 10.15 11.31
N ASN A 272 26.32 10.82 10.30
CA ASN A 272 26.17 10.40 8.91
C ASN A 272 24.70 10.29 8.54
N TRP A 273 23.97 11.38 8.79
CA TRP A 273 22.55 11.41 8.51
C TRP A 273 22.31 11.45 7.00
N LEU A 274 21.46 10.54 6.52
CA LEU A 274 21.17 10.42 5.10
C LEU A 274 19.87 11.13 4.70
N HIS A 275 19.53 12.22 5.38
CA HIS A 275 18.30 12.94 5.04
C HIS A 275 18.34 13.46 3.61
N LYS A 276 19.53 13.84 3.12
CA LYS A 276 19.64 14.35 1.75
C LYS A 276 19.34 13.26 0.75
N GLU A 277 19.77 12.02 1.02
CA GLU A 277 19.50 10.92 0.10
C GLU A 277 18.04 10.51 0.15
N ALA A 278 17.43 10.49 1.33
CA ALA A 278 16.01 10.19 1.43
C ALA A 278 15.18 11.29 0.79
N HIS A 279 15.62 12.54 0.93
CA HIS A 279 14.97 13.66 0.25
C HIS A 279 14.92 13.43 -1.25
N GLN A 280 16.07 13.09 -1.85
CA GLN A 280 16.10 12.81 -3.29
CA GLN A 280 16.10 12.81 -3.29
C GLN A 280 15.24 11.61 -3.65
N LEU A 281 15.13 10.63 -2.76
CA LEU A 281 14.36 9.43 -3.06
C LEU A 281 12.87 9.73 -3.14
N PHE A 282 12.35 10.48 -2.16
CA PHE A 282 10.92 10.79 -2.16
C PHE A 282 10.56 11.66 -3.36
N LEU A 283 11.42 12.61 -3.72
CA LEU A 283 11.09 13.58 -4.75
C LEU A 283 11.34 13.04 -6.16
N GLU A 284 12.35 12.19 -6.33
CA GLU A 284 12.70 11.66 -7.64
C GLU A 284 12.92 10.15 -7.55
N PRO A 285 11.90 9.40 -7.14
CA PRO A 285 12.04 7.95 -7.03
C PRO A 285 12.07 7.29 -8.39
N GLU A 286 12.60 6.07 -8.41
CA GLU A 286 12.53 5.24 -9.61
C GLU A 286 11.13 4.67 -9.74
N VAL A 287 10.45 4.97 -10.84
CA VAL A 287 9.07 4.59 -11.04
C VAL A 287 8.88 4.10 -12.46
N LEU A 288 7.81 3.33 -12.66
CA LEU A 288 7.43 2.93 -14.00
C LEU A 288 7.06 4.16 -14.83
N ASP A 289 6.99 3.95 -16.15
CA ASP A 289 6.60 5.02 -17.07
C ASP A 289 5.10 4.94 -17.28
N PRO A 290 4.31 5.89 -16.75
CA PRO A 290 2.84 5.78 -16.89
C PRO A 290 2.35 5.76 -18.32
N GLU A 291 3.15 6.20 -19.28
CA GLU A 291 2.73 6.23 -20.68
C GLU A 291 3.02 4.94 -21.43
N SER A 292 3.75 4.00 -20.82
CA SER A 292 4.14 2.79 -21.53
C SER A 292 2.94 1.87 -21.77
N VAL A 293 2.26 1.46 -20.70
CA VAL A 293 1.18 0.48 -20.79
C VAL A 293 -0.15 1.19 -20.68
N GLU A 294 -1.05 0.93 -21.63
CA GLU A 294 -2.41 1.44 -21.57
C GLU A 294 -3.25 0.48 -20.73
N LEU A 295 -3.83 1.00 -19.65
CA LEU A 295 -4.59 0.16 -18.75
C LEU A 295 -5.90 -0.29 -19.39
N LYS A 296 -6.19 -1.58 -19.29
CA LYS A 296 -7.39 -2.15 -19.90
C LYS A 296 -8.01 -3.13 -18.92
N TRP A 297 -9.35 -3.09 -18.82
CA TRP A 297 -10.12 -4.02 -18.02
C TRP A 297 -10.87 -4.94 -18.98
N SER A 298 -10.46 -6.20 -19.03
CA SER A 298 -10.84 -7.14 -20.08
C SER A 298 -11.85 -8.16 -19.55
N GLU A 299 -12.45 -8.89 -20.49
CA GLU A 299 -13.41 -9.93 -20.15
C GLU A 299 -12.70 -11.05 -19.38
N PRO A 300 -13.24 -11.49 -18.26
CA PRO A 300 -12.60 -12.60 -17.54
C PRO A 300 -12.73 -13.91 -18.30
N ASN A 301 -11.72 -14.77 -18.14
CA ASN A 301 -11.71 -16.09 -18.74
C ASN A 301 -12.33 -17.06 -17.74
N GLU A 302 -13.65 -17.28 -17.89
CA GLU A 302 -14.39 -18.01 -16.87
C GLU A 302 -13.89 -19.44 -16.72
N GLU A 303 -13.71 -20.16 -17.84
CA GLU A 303 -13.39 -21.58 -17.72
C GLU A 303 -11.98 -21.79 -17.17
N GLU A 304 -11.03 -20.93 -17.53
CA GLU A 304 -9.71 -21.04 -16.95
C GLU A 304 -9.72 -20.66 -15.47
N LEU A 305 -10.55 -19.69 -15.08
CA LEU A 305 -10.66 -19.35 -13.67
C LEU A 305 -11.21 -20.52 -12.86
N ILE A 306 -12.17 -21.25 -13.42
CA ILE A 306 -12.70 -22.42 -12.72
C ILE A 306 -11.62 -23.48 -12.58
N LYS A 307 -10.90 -23.76 -13.67
CA LYS A 307 -9.83 -24.76 -13.61
C LYS A 307 -8.78 -24.39 -12.57
N PHE A 308 -8.42 -23.11 -12.50
CA PHE A 308 -7.37 -22.70 -11.57
C PHE A 308 -7.91 -22.61 -10.13
N MET A 309 -8.98 -21.84 -9.93
CA MET A 309 -9.45 -21.58 -8.57
C MET A 309 -10.16 -22.80 -7.97
N CYS A 310 -10.92 -23.53 -8.79
CA CYS A 310 -11.66 -24.68 -8.30
C CYS A 310 -10.89 -25.98 -8.48
N GLY A 311 -10.52 -26.31 -9.72
CA GLY A 311 -9.83 -27.56 -9.97
C GLY A 311 -8.54 -27.69 -9.18
N GLU A 312 -7.74 -26.62 -9.14
CA GLU A 312 -6.44 -26.66 -8.49
C GLU A 312 -6.46 -26.13 -7.07
N LYS A 313 -7.09 -24.98 -6.83
CA LYS A 313 -7.07 -24.38 -5.51
C LYS A 313 -8.28 -24.74 -4.65
N GLN A 314 -9.25 -25.46 -5.21
CA GLN A 314 -10.32 -26.09 -4.45
C GLN A 314 -11.31 -25.08 -3.87
N PHE A 315 -11.50 -23.96 -4.56
CA PHE A 315 -12.61 -23.06 -4.23
C PHE A 315 -13.93 -23.67 -4.67
N SER A 316 -15.00 -23.27 -4.00
CA SER A 316 -16.34 -23.69 -4.41
C SER A 316 -16.63 -23.25 -5.84
N GLU A 317 -16.95 -24.23 -6.69
CA GLU A 317 -17.25 -23.90 -8.08
C GLU A 317 -18.47 -22.99 -8.19
N GLU A 318 -19.46 -23.20 -7.33
CA GLU A 318 -20.65 -22.34 -7.35
C GLU A 318 -20.28 -20.90 -7.04
N ARG A 319 -19.43 -20.68 -6.03
CA ARG A 319 -19.05 -19.33 -5.64
C ARG A 319 -18.17 -18.67 -6.70
N ILE A 320 -17.22 -19.42 -7.27
CA ILE A 320 -16.34 -18.84 -8.29
C ILE A 320 -17.12 -18.49 -9.54
N ARG A 321 -17.94 -19.43 -10.03
CA ARG A 321 -18.75 -19.14 -11.22
C ARG A 321 -19.64 -17.94 -10.99
N SER A 322 -20.32 -17.90 -9.85
CA SER A 322 -21.14 -16.73 -9.51
C SER A 322 -20.32 -15.46 -9.53
N GLY A 323 -19.13 -15.50 -8.93
CA GLY A 323 -18.28 -14.32 -8.90
C GLY A 323 -17.84 -13.88 -10.28
N VAL A 324 -17.45 -14.84 -11.13
CA VAL A 324 -17.02 -14.48 -12.48
C VAL A 324 -18.17 -13.86 -13.25
N LYS A 325 -19.38 -14.38 -13.07
CA LYS A 325 -20.54 -13.82 -13.75
C LYS A 325 -20.81 -12.39 -13.28
N ARG A 326 -20.71 -12.15 -11.98
CA ARG A 326 -20.88 -10.78 -11.46
C ARG A 326 -19.81 -9.85 -12.01
N LEU A 327 -18.58 -10.34 -12.11
CA LEU A 327 -17.49 -9.51 -12.62
C LEU A 327 -17.72 -9.16 -14.08
N SER A 328 -18.03 -10.15 -14.91
CA SER A 328 -18.32 -9.90 -16.31
C SER A 328 -19.45 -8.89 -16.47
N LYS A 329 -20.52 -9.07 -15.70
CA LYS A 329 -21.67 -8.17 -15.78
C LYS A 329 -21.28 -6.75 -15.35
N SER A 330 -20.49 -6.64 -14.29
CA SER A 330 -20.14 -5.31 -13.79
C SER A 330 -19.19 -4.61 -14.74
N ARG A 331 -18.26 -5.35 -15.36
CA ARG A 331 -17.38 -4.74 -16.36
C ARG A 331 -18.17 -4.22 -17.53
N GLN A 332 -19.15 -4.99 -18.01
CA GLN A 332 -19.99 -4.54 -19.11
C GLN A 332 -20.71 -3.24 -18.77
N GLY A 333 -21.02 -3.03 -17.49
CA GLY A 333 -21.75 -1.83 -17.09
C GLY A 333 -20.87 -0.60 -16.96
N SER A 334 -19.58 -0.77 -16.72
CA SER A 334 -18.68 0.34 -16.43
C SER A 334 -17.63 0.58 -17.51
N THR A 335 -17.50 -0.30 -18.49
CA THR A 335 -16.37 -0.30 -19.40
C THR A 335 -16.85 -0.37 -20.84
N LEU A 336 -16.27 0.48 -21.68
CA LEU A 336 -16.59 0.51 -23.10
C LEU A 336 -15.68 -0.46 -23.85
N GLU A 337 -16.27 -1.23 -24.76
CA GLU A 337 -15.47 -2.08 -25.63
C GLU A 337 -14.59 -1.22 -26.51
N VAL A 338 -13.48 -1.81 -26.96
CA VAL A 338 -12.51 -1.08 -27.77
C VAL A 338 -13.14 -0.69 -29.11
N LEU A 339 -12.79 0.49 -29.60
CA LEU A 339 -13.25 0.98 -30.88
C LEU A 339 -12.05 1.28 -31.77
N PHE A 340 -12.24 1.09 -33.07
CA PHE A 340 -11.21 1.36 -34.07
C PHE A 340 -11.70 2.45 -35.02
N GLN A 341 -10.79 3.35 -35.38
CA GLN A 341 -11.09 4.44 -36.30
C GLN A 341 -10.08 4.45 -37.44
SM SM F . 5.88 2.86 2.26
SM SM G . 6.84 -1.12 -0.68
SM SM H . 3.49 2.36 2.87
SM SM I . 5.52 -0.19 0.49
K K J . 12.40 11.77 16.50
SM SM K . -3.23 -30.07 -7.57
SM SM L . -0.32 -27.23 -6.79
SM SM M . -3.76 -23.92 14.17
SM SM N . 19.14 -2.25 15.59
C1 EDO O . 1.18 4.05 7.93
O1 EDO O . 1.91 2.82 7.90
C2 EDO O . 2.02 5.17 7.32
O2 EDO O . 1.37 6.43 7.45
H11 EDO O . 0.25 3.94 7.36
H12 EDO O . 0.92 4.30 8.95
HO1 EDO O . 1.38 2.12 8.28
H21 EDO O . 3.00 5.20 7.82
H22 EDO O . 2.20 4.96 6.26
HO2 EDO O . 1.92 7.12 7.06
#